data_6P0F
#
_entry.id   6P0F
#
_cell.length_a   67.841
_cell.length_b   43.990
_cell.length_c   61.963
_cell.angle_alpha   90.00
_cell.angle_beta   120.28
_cell.angle_gamma   90.00
#
_symmetry.space_group_name_H-M   'C 1 2 1'
#
loop_
_entity.id
_entity.type
_entity.pdbx_description
1 polymer 'GTPase subunit of restriction endonuclease'
2 non-polymer '2-(N-MORPHOLINO)-ETHANESULFONIC ACID'
3 non-polymer 'SULFATE ION'
4 non-polymer 'AMMONIUM ION'
5 water water
#
_entity_poly.entity_id   1
_entity_poly.type   'polypeptide(L)'
_entity_poly.pdbx_seq_one_letter_code
;(MSE)ENQLFIIGIGTGTDEYENFEETILKGVKRNELEGQIGPDILDNCCSDVCYFWGRSKETIYEKKIDKGD(MSE)VL
FYVGKRISRNKVDLNQETAVYLGIICETVEISENDVSFLNDFWRKGENFRFL(MSE)FFKKKPEKLHHSINEINSKLGYN
PDYFPIAGYVKPER(MSE)SGVYDILKNILKKRGILKESDS
;
_entity_poly.pdbx_strand_id   A
#
loop_
_chem_comp.id
_chem_comp.type
_chem_comp.name
_chem_comp.formula
MES non-polymer '2-(N-MORPHOLINO)-ETHANESULFONIC ACID' 'C6 H13 N O4 S'
NH4 non-polymer 'AMMONIUM ION' 'H4 N 1'
SO4 non-polymer 'SULFATE ION' 'O4 S -2'
#
# COMPACT_ATOMS: atom_id res chain seq x y z
N MSE A 1 13.00 -15.25 -5.88
CA MSE A 1 12.48 -14.02 -5.29
C MSE A 1 12.71 -13.97 -3.78
O MSE A 1 12.04 -14.71 -3.03
CB MSE A 1 10.97 -13.88 -5.58
CG MSE A 1 10.60 -13.80 -7.05
SE MSE A 1 11.29 -12.14 -7.94
CE MSE A 1 12.23 -13.01 -9.45
HA MSE A 1 12.96 -13.28 -5.69
HB2 MSE A 1 10.52 -14.65 -5.21
HB3 MSE A 1 10.66 -13.06 -5.16
HG2 MSE A 1 10.98 -14.56 -7.52
HG3 MSE A 1 9.64 -13.81 -7.14
HE1 MSE A 1 12.50 -12.31 -10.08
HE2 MSE A 1 13.01 -13.46 -9.10
HE3 MSE A 1 11.63 -13.63 -9.88
N GLU A 2 13.59 -13.08 -3.31
CA GLU A 2 13.79 -12.96 -1.89
C GLU A 2 12.75 -12.06 -1.22
N ASN A 3 12.01 -11.27 -1.99
CA ASN A 3 10.96 -10.44 -1.44
C ASN A 3 9.68 -10.71 -2.19
N GLN A 4 8.60 -10.07 -1.74
CA GLN A 4 7.27 -10.31 -2.23
C GLN A 4 6.70 -9.04 -2.84
N LEU A 5 5.75 -9.24 -3.75
CA LEU A 5 5.03 -8.15 -4.40
C LEU A 5 3.55 -8.34 -4.12
N PHE A 6 2.92 -7.30 -3.56
CA PHE A 6 1.50 -7.30 -3.26
C PHE A 6 0.79 -6.21 -4.05
N ILE A 7 -0.50 -6.45 -4.33
CA ILE A 7 -1.38 -5.45 -4.92
C ILE A 7 -2.46 -5.09 -3.91
N ILE A 8 -2.63 -3.81 -3.64
CA ILE A 8 -3.70 -3.34 -2.75
C ILE A 8 -4.58 -2.40 -3.55
N GLY A 9 -5.88 -2.72 -3.61
CA GLY A 9 -6.82 -1.98 -4.42
C GLY A 9 -7.51 -0.94 -3.54
N ILE A 10 -7.37 0.31 -3.93
CA ILE A 10 -7.94 1.45 -3.19
C ILE A 10 -9.12 1.95 -4.00
N GLY A 11 -10.35 1.79 -3.47
CA GLY A 11 -11.51 2.21 -4.24
C GLY A 11 -11.79 3.69 -4.12
N THR A 12 -11.87 4.39 -5.24
CA THR A 12 -12.17 5.80 -5.19
C THR A 12 -13.61 6.05 -4.76
N GLY A 13 -13.84 7.24 -4.21
CA GLY A 13 -15.16 7.57 -3.71
C GLY A 13 -15.55 6.87 -2.43
N THR A 14 -14.61 6.27 -1.73
CA THR A 14 -14.85 5.58 -0.49
C THR A 14 -13.96 6.16 0.61
N ASP A 15 -14.29 5.79 1.84
CA ASP A 15 -13.45 6.20 2.97
C ASP A 15 -12.02 5.67 2.81
N GLU A 16 -11.88 4.51 2.17
CA GLU A 16 -10.55 3.94 1.90
C GLU A 16 -9.67 4.91 1.13
N TYR A 17 -10.24 5.56 0.10
CA TYR A 17 -9.44 6.51 -0.65
C TYR A 17 -9.11 7.71 0.22
N GLU A 18 -10.08 8.20 1.01
CA GLU A 18 -9.79 9.31 1.90
C GLU A 18 -8.62 8.97 2.83
N ASN A 19 -8.61 7.76 3.38
CA ASN A 19 -7.53 7.35 4.28
C ASN A 19 -6.21 7.27 3.53
N PHE A 20 -6.24 6.74 2.32
CA PHE A 20 -5.04 6.62 1.46
C PHE A 20 -4.49 7.98 1.09
N GLU A 21 -5.35 8.90 0.71
CA GLU A 21 -4.90 10.26 0.43
C GLU A 21 -4.22 10.87 1.65
N GLU A 22 -4.74 10.60 2.84
CA GLU A 22 -4.20 11.21 4.03
C GLU A 22 -2.78 10.72 4.33
N THR A 23 -2.55 9.41 4.34
CA THR A 23 -1.30 8.91 4.85
C THR A 23 -0.34 8.33 3.82
N ILE A 24 -0.78 8.10 2.58
CA ILE A 24 0.12 7.67 1.50
C ILE A 24 0.37 8.79 0.51
N LEU A 25 -0.65 9.52 0.10
CA LEU A 25 -0.41 10.56 -0.89
C LEU A 25 0.11 11.84 -0.27
N LYS A 26 -0.49 12.28 0.83
CA LYS A 26 -0.02 13.45 1.55
C LYS A 26 1.06 13.08 2.56
N GLY A 27 0.78 12.09 3.39
CA GLY A 27 1.66 11.76 4.50
C GLY A 27 1.35 12.62 5.69
N VAL A 28 2.00 12.28 6.81
CA VAL A 28 1.76 13.02 8.04
C VAL A 28 3.08 13.49 8.63
N LYS A 29 3.04 14.66 9.28
CA LYS A 29 4.22 15.14 9.96
C LYS A 29 4.63 14.13 11.03
N ARG A 30 5.93 13.96 11.21
CA ARG A 30 6.40 12.99 12.19
C ARG A 30 5.83 13.27 13.58
N ASN A 31 5.62 14.53 13.95
CA ASN A 31 5.10 14.80 15.29
C ASN A 31 3.70 14.24 15.49
N GLU A 32 2.91 14.00 14.43
CA GLU A 32 1.60 13.39 14.57
C GLU A 32 1.70 11.94 15.04
N LEU A 33 2.87 11.30 14.92
CA LEU A 33 3.04 9.92 15.34
C LEU A 33 3.89 9.77 16.59
N GLU A 34 4.67 10.79 16.95
CA GLU A 34 5.51 10.74 18.13
C GLU A 34 4.63 10.49 19.35
N GLY A 35 5.11 9.64 20.24
CA GLY A 35 4.33 9.25 21.38
C GLY A 35 3.54 7.99 21.18
N GLN A 36 3.38 7.55 19.93
CA GLN A 36 2.63 6.36 19.59
C GLN A 36 3.45 5.33 18.84
N ILE A 37 4.24 5.77 17.87
CA ILE A 37 5.15 4.92 17.12
C ILE A 37 6.55 5.13 17.71
N GLY A 38 7.27 4.04 17.96
CA GLY A 38 8.57 4.13 18.57
C GLY A 38 9.56 4.96 17.78
N PRO A 39 10.45 5.66 18.47
CA PRO A 39 11.39 6.55 17.75
C PRO A 39 12.33 5.78 16.84
N ASP A 40 12.58 4.51 17.12
CA ASP A 40 13.41 3.72 16.22
C ASP A 40 12.77 3.63 14.83
N ILE A 41 11.47 3.33 14.81
CA ILE A 41 10.75 3.25 13.55
C ILE A 41 10.76 4.59 12.84
N LEU A 42 10.43 5.66 13.57
CA LEU A 42 10.38 6.99 12.96
C LEU A 42 11.75 7.42 12.44
N ASP A 43 12.80 7.14 13.19
CA ASP A 43 14.16 7.50 12.77
C ASP A 43 14.54 6.76 11.49
N ASN A 44 14.27 5.46 11.45
CA ASN A 44 14.70 4.65 10.32
C ASN A 44 13.87 4.89 9.07
N CYS A 45 12.61 5.33 9.21
CA CYS A 45 11.66 5.27 8.11
C CYS A 45 10.92 6.56 7.74
N CYS A 46 11.04 7.63 8.49
CA CYS A 46 10.44 8.90 8.08
C CYS A 46 11.57 9.81 7.60
N SER A 47 11.67 9.99 6.29
CA SER A 47 12.71 10.83 5.70
C SER A 47 12.41 12.31 5.90
N ASP A 48 11.14 12.70 5.95
CA ASP A 48 10.78 14.04 6.41
C ASP A 48 9.39 13.95 7.04
N VAL A 49 8.39 13.73 6.20
CA VAL A 49 7.07 13.34 6.69
C VAL A 49 7.02 11.81 6.67
N CYS A 50 5.99 11.23 7.25
CA CYS A 50 5.83 9.79 7.33
C CYS A 50 4.72 9.33 6.39
N TYR A 51 4.95 8.19 5.75
CA TYR A 51 3.97 7.60 4.85
C TYR A 51 3.66 6.19 5.33
N PHE A 52 2.39 5.85 5.45
CA PHE A 52 2.08 4.52 5.95
C PHE A 52 0.65 4.14 5.57
N TRP A 53 0.43 2.83 5.55
CA TRP A 53 -0.85 2.23 5.24
C TRP A 53 -1.13 1.17 6.30
N GLY A 54 -2.39 0.82 6.47
CA GLY A 54 -2.75 -0.13 7.52
C GLY A 54 -3.79 -1.10 7.01
N ARG A 55 -3.77 -2.30 7.59
CA ARG A 55 -4.71 -3.36 7.21
C ARG A 55 -5.20 -4.06 8.46
N SER A 56 -6.30 -4.82 8.30
CA SER A 56 -6.88 -5.62 9.38
C SER A 56 -6.07 -6.87 9.73
N LYS A 57 -5.24 -7.38 8.83
CA LYS A 57 -4.46 -8.59 9.07
C LYS A 57 -2.99 -8.38 8.69
N GLU A 58 -2.14 -9.24 9.25
CA GLU A 58 -0.72 -9.26 8.95
C GLU A 58 -0.41 -9.88 7.59
N THR A 59 -1.34 -10.66 7.05
CA THR A 59 -1.07 -11.46 5.86
C THR A 59 -1.96 -11.04 4.68
N ILE A 60 -1.45 -11.28 3.48
CA ILE A 60 -2.23 -11.23 2.25
C ILE A 60 -2.09 -12.59 1.55
N TYR A 61 -3.21 -13.21 1.21
CA TYR A 61 -3.17 -14.53 0.61
C TYR A 61 -2.25 -15.43 1.41
N GLU A 62 -2.26 -15.18 2.71
CA GLU A 62 -1.54 -16.02 3.68
C GLU A 62 -0.05 -15.77 3.68
N LYS A 63 0.43 -14.77 2.96
CA LYS A 63 1.84 -14.39 2.95
C LYS A 63 1.99 -13.25 3.94
N LYS A 64 2.96 -13.36 4.84
CA LYS A 64 3.23 -12.29 5.79
C LYS A 64 3.92 -11.14 5.05
N ILE A 65 3.49 -9.93 5.33
CA ILE A 65 4.07 -8.74 4.69
C ILE A 65 5.31 -8.36 5.49
N ASP A 66 6.43 -8.25 4.80
CA ASP A 66 7.73 -8.01 5.42
C ASP A 66 8.33 -6.70 4.93
N LYS A 67 9.21 -6.10 5.75
CA LYS A 67 9.98 -4.99 5.21
C LYS A 67 10.83 -5.45 4.03
N GLY A 68 10.94 -4.56 3.04
CA GLY A 68 11.58 -4.89 1.78
C GLY A 68 10.63 -5.36 0.70
N ASP A 69 9.43 -5.77 1.08
CA ASP A 69 8.40 -6.15 0.12
C ASP A 69 7.89 -4.91 -0.62
N MSE A 70 7.35 -5.13 -1.80
CA MSE A 70 6.90 -4.07 -2.68
C MSE A 70 5.37 -4.13 -2.76
O MSE A 70 4.77 -5.20 -2.75
CB MSE A 70 7.54 -4.24 -4.05
CG MSE A 70 8.96 -3.86 -4.00
SE MSE A 70 9.83 -4.49 -5.58
CE MSE A 70 8.50 -4.05 -6.87
H MSE A 70 7.22 -5.92 -2.13
HA MSE A 70 7.17 -3.20 -2.35
HB2 MSE A 70 7.46 -5.17 -4.33
HB3 MSE A 70 7.08 -3.67 -4.69
HG2 MSE A 70 9.04 -2.90 -3.95
HG3 MSE A 70 9.38 -4.26 -3.22
HE1 MSE A 70 8.75 -4.43 -7.72
HE2 MSE A 70 7.65 -4.43 -6.59
HE3 MSE A 70 8.43 -3.09 -6.95
N VAL A 71 4.76 -2.94 -2.87
CA VAL A 71 3.31 -2.82 -2.93
C VAL A 71 2.94 -1.98 -4.15
N LEU A 72 2.08 -2.54 -5.00
CA LEU A 72 1.42 -1.77 -6.06
C LEU A 72 0.04 -1.38 -5.50
N PHE A 73 -0.17 -0.10 -5.29
CA PHE A 73 -1.49 0.42 -4.93
C PHE A 73 -2.22 0.70 -6.24
N TYR A 74 -3.28 -0.05 -6.52
CA TYR A 74 -4.17 0.23 -7.62
C TYR A 74 -5.25 1.18 -7.13
N VAL A 75 -5.52 2.26 -7.86
CA VAL A 75 -6.49 3.26 -7.44
C VAL A 75 -7.52 3.43 -8.55
N GLY A 76 -8.79 3.21 -8.22
CA GLY A 76 -9.83 3.30 -9.22
C GLY A 76 -11.18 3.00 -8.61
N LYS A 77 -12.20 3.02 -9.47
CA LYS A 77 -13.60 2.83 -9.05
C LYS A 77 -13.90 1.33 -9.01
N ARG A 78 -14.10 0.82 -7.81
CA ARG A 78 -14.43 -0.59 -7.66
C ARG A 78 -15.87 -0.80 -8.11
N ILE A 79 -16.08 -1.66 -9.10
CA ILE A 79 -17.43 -1.92 -9.62
C ILE A 79 -17.90 -3.34 -9.43
N SER A 80 -17.09 -4.23 -8.92
CA SER A 80 -17.53 -5.57 -8.65
C SER A 80 -16.44 -6.18 -7.83
N ARG A 81 -16.67 -7.40 -7.36
CA ARG A 81 -15.60 -8.10 -6.70
C ARG A 81 -14.44 -8.25 -7.71
N ASN A 82 -13.29 -7.73 -7.32
CA ASN A 82 -12.02 -7.85 -8.02
C ASN A 82 -11.99 -7.16 -9.36
N LYS A 83 -12.84 -6.16 -9.57
CA LYS A 83 -12.89 -5.48 -10.86
C LYS A 83 -12.99 -3.98 -10.68
N VAL A 84 -12.26 -3.27 -11.52
CA VAL A 84 -12.27 -1.81 -11.55
C VAL A 84 -13.00 -1.38 -12.82
N ASP A 85 -13.54 -0.16 -12.78
CA ASP A 85 -14.20 0.43 -13.94
C ASP A 85 -13.15 1.08 -14.82
N LEU A 86 -12.85 0.46 -15.95
CA LEU A 86 -11.81 1.00 -16.81
C LEU A 86 -12.27 2.18 -17.64
N ASN A 87 -13.55 2.56 -17.56
CA ASN A 87 -13.97 3.80 -18.18
C ASN A 87 -13.88 5.00 -17.25
N GLN A 88 -13.47 4.79 -15.99
CA GLN A 88 -13.17 5.87 -15.06
C GLN A 88 -11.65 5.92 -14.85
N GLU A 89 -11.21 7.01 -14.25
CA GLU A 89 -9.78 7.24 -14.05
C GLU A 89 -9.20 6.14 -13.16
N THR A 90 -7.98 5.72 -13.49
CA THR A 90 -7.24 4.81 -12.62
C THR A 90 -5.81 5.31 -12.45
N ALA A 91 -5.17 4.83 -11.39
CA ALA A 91 -3.76 5.15 -11.16
C ALA A 91 -3.11 3.99 -10.43
N VAL A 92 -1.78 3.90 -10.53
CA VAL A 92 -1.03 2.88 -9.82
C VAL A 92 0.15 3.56 -9.15
N TYR A 93 0.39 3.20 -7.90
CA TYR A 93 1.53 3.68 -7.14
C TYR A 93 2.39 2.50 -6.72
N LEU A 94 3.71 2.69 -6.69
CA LEU A 94 4.65 1.64 -6.30
C LEU A 94 5.43 2.09 -5.07
N GLY A 95 5.34 1.33 -4.00
CA GLY A 95 6.12 1.57 -2.82
C GLY A 95 6.94 0.38 -2.40
N ILE A 96 7.99 0.61 -1.61
CA ILE A 96 8.75 -0.46 -0.97
C ILE A 96 8.70 -0.24 0.53
N ILE A 97 8.44 -1.31 1.28
CA ILE A 97 8.15 -1.20 2.71
C ILE A 97 9.45 -1.04 3.50
N CYS A 98 9.52 0.04 4.27
CA CYS A 98 10.67 0.27 5.15
C CYS A 98 10.57 -0.51 6.45
N GLU A 99 9.37 -0.58 7.03
CA GLU A 99 9.14 -1.23 8.29
C GLU A 99 7.67 -1.63 8.39
N THR A 100 7.41 -2.64 9.20
CA THR A 100 6.04 -3.01 9.54
C THR A 100 5.92 -2.94 11.05
N VAL A 101 4.73 -2.53 11.50
CA VAL A 101 4.45 -2.35 12.91
C VAL A 101 3.06 -2.90 13.14
N GLU A 102 2.94 -3.90 14.02
CA GLU A 102 1.63 -4.35 14.48
C GLU A 102 1.24 -3.54 15.70
N ILE A 103 0.15 -2.78 15.59
CA ILE A 103 -0.42 -2.08 16.74
C ILE A 103 -1.32 -3.05 17.48
N SER A 104 -1.16 -3.13 18.79
CA SER A 104 -2.00 -4.02 19.57
C SER A 104 -3.46 -3.57 19.51
N GLU A 105 -4.37 -4.55 19.55
CA GLU A 105 -5.80 -4.22 19.56
C GLU A 105 -6.16 -3.17 20.61
N ASN A 106 -5.42 -3.14 21.71
CA ASN A 106 -5.72 -2.22 22.81
C ASN A 106 -5.17 -0.81 22.60
N ASP A 107 -4.39 -0.60 21.54
CA ASP A 107 -3.63 0.63 21.37
C ASP A 107 -3.98 1.36 20.07
N VAL A 108 -5.14 1.05 19.48
CA VAL A 108 -5.46 1.57 18.15
C VAL A 108 -6.08 2.95 18.15
N SER A 109 -6.37 3.54 19.31
CA SER A 109 -7.17 4.76 19.30
C SER A 109 -6.50 5.87 18.47
N PHE A 110 -5.17 5.98 18.53
CA PHE A 110 -4.51 7.09 17.82
C PHE A 110 -4.73 6.99 16.31
N LEU A 111 -5.01 5.81 15.78
CA LEU A 111 -5.19 5.66 14.33
C LEU A 111 -6.40 6.44 13.86
N ASN A 112 -7.37 6.73 14.75
CA ASN A 112 -8.52 7.51 14.36
C ASN A 112 -8.17 8.98 14.16
N ASP A 113 -6.99 9.41 14.60
CA ASP A 113 -6.48 10.75 14.30
C ASP A 113 -6.38 10.95 12.79
N PHE A 114 -6.10 9.88 12.03
CA PHE A 114 -5.73 9.92 10.63
C PHE A 114 -6.74 9.30 9.68
N TRP A 115 -7.44 8.26 10.13
CA TRP A 115 -8.21 7.40 9.28
C TRP A 115 -9.65 7.30 9.78
N ARG A 116 -10.59 7.35 8.86
CA ARG A 116 -11.95 6.94 9.16
C ARG A 116 -11.94 5.46 9.49
N LYS A 117 -12.45 5.09 10.67
CA LYS A 117 -12.42 3.70 11.06
C LYS A 117 -11.00 3.21 11.30
N GLY A 118 -10.10 4.13 11.63
CA GLY A 118 -8.69 3.80 11.65
C GLY A 118 -8.37 2.66 12.59
N GLU A 119 -9.12 2.54 13.68
CA GLU A 119 -8.81 1.58 14.71
C GLU A 119 -8.87 0.16 14.20
N ASN A 120 -9.55 -0.07 13.08
CA ASN A 120 -9.60 -1.40 12.49
C ASN A 120 -8.28 -1.81 11.83
N PHE A 121 -7.47 -0.85 11.39
CA PHE A 121 -6.39 -1.12 10.44
C PHE A 121 -5.04 -1.11 11.14
N ARG A 122 -4.88 -2.03 12.08
CA ARG A 122 -3.78 -1.95 13.03
C ARG A 122 -2.48 -2.61 12.55
N PHE A 123 -2.48 -3.30 11.43
CA PHE A 123 -1.24 -3.82 10.85
C PHE A 123 -0.68 -2.78 9.90
N LEU A 124 0.34 -2.05 10.34
CA LEU A 124 0.86 -0.91 9.61
C LEU A 124 2.08 -1.28 8.78
N MSE A 125 2.19 -0.63 7.63
CA MSE A 125 3.39 -0.73 6.79
C MSE A 125 3.87 0.71 6.54
O MSE A 125 3.06 1.55 6.12
CB MSE A 125 3.11 -1.45 5.48
CG MSE A 125 2.11 -0.72 4.59
SE MSE A 125 1.46 -1.92 3.17
CE MSE A 125 0.82 -3.22 4.36
H MSE A 125 1.58 -0.12 7.31
HA MSE A 125 4.08 -1.26 7.23
HB2 MSE A 125 3.94 -1.53 4.99
HB3 MSE A 125 2.75 -2.33 5.67
HG2 MSE A 125 1.35 -0.43 5.12
HG3 MSE A 125 2.54 0.05 4.18
HE1 MSE A 125 0.38 -3.91 3.86
HE2 MSE A 125 1.57 -3.59 4.85
HE3 MSE A 125 0.19 -2.80 4.98
N PHE A 126 5.14 0.98 6.78
CA PHE A 126 5.72 2.29 6.56
C PHE A 126 6.52 2.31 5.26
N PHE A 127 6.48 3.45 4.55
CA PHE A 127 7.25 3.68 3.34
C PHE A 127 8.15 4.90 3.53
N LYS A 128 9.45 4.74 3.27
CA LYS A 128 10.36 5.87 3.52
C LYS A 128 10.13 7.00 2.53
N LYS A 129 10.03 6.66 1.25
CA LYS A 129 9.69 7.64 0.21
C LYS A 129 8.23 7.46 -0.14
N LYS A 130 7.52 8.59 -0.39
CA LYS A 130 6.18 8.56 -0.94
C LYS A 130 6.14 7.50 -2.03
N PRO A 131 5.21 6.56 -1.99
CA PRO A 131 5.04 5.65 -3.13
C PRO A 131 4.95 6.42 -4.43
N GLU A 132 5.64 5.91 -5.45
CA GLU A 132 5.81 6.60 -6.71
C GLU A 132 4.61 6.38 -7.62
N LYS A 133 4.02 7.46 -8.12
CA LYS A 133 2.93 7.32 -9.08
C LYS A 133 3.49 6.86 -10.40
N LEU A 134 3.05 5.69 -10.85
CA LEU A 134 3.53 5.19 -12.12
C LEU A 134 2.83 5.89 -13.29
N HIS A 135 3.53 5.85 -14.41
CA HIS A 135 3.04 6.39 -15.66
C HIS A 135 1.86 5.60 -16.21
N HIS A 136 1.70 4.36 -15.81
CA HIS A 136 0.77 3.44 -16.45
C HIS A 136 -0.55 3.31 -15.72
N SER A 137 -1.58 2.95 -16.50
CA SER A 137 -2.90 2.61 -16.01
C SER A 137 -2.90 1.28 -15.26
N ILE A 138 -3.99 1.02 -14.54
CA ILE A 138 -4.19 -0.32 -14.00
C ILE A 138 -4.16 -1.34 -15.14
N ASN A 139 -4.80 -1.03 -16.25
CA ASN A 139 -4.91 -2.06 -17.28
C ASN A 139 -3.56 -2.34 -17.94
N GLU A 140 -2.70 -1.32 -18.09
CA GLU A 140 -1.37 -1.57 -18.65
C GLU A 140 -0.50 -2.38 -17.68
N ILE A 141 -0.55 -2.05 -16.38
CA ILE A 141 0.21 -2.83 -15.41
C ILE A 141 -0.32 -4.26 -15.33
N ASN A 142 -1.64 -4.42 -15.27
CA ASN A 142 -2.20 -5.77 -15.25
C ASN A 142 -1.75 -6.56 -16.48
N SER A 143 -1.78 -5.92 -17.65
CA SER A 143 -1.37 -6.59 -18.89
C SER A 143 0.06 -7.08 -18.79
N LYS A 144 0.96 -6.23 -18.31
CA LYS A 144 2.35 -6.65 -18.17
C LYS A 144 2.47 -7.83 -17.20
N LEU A 145 1.63 -7.86 -16.17
CA LEU A 145 1.67 -8.94 -15.18
C LEU A 145 0.94 -10.20 -15.64
N GLY A 146 0.21 -10.14 -16.75
CA GLY A 146 -0.55 -11.28 -17.22
C GLY A 146 -1.91 -11.44 -16.58
N TYR A 147 -2.41 -10.40 -15.91
CA TYR A 147 -3.75 -10.40 -15.36
C TYR A 147 -4.72 -9.78 -16.36
N ASN A 148 -6.01 -10.08 -16.18
CA ASN A 148 -7.01 -9.38 -16.96
C ASN A 148 -6.89 -7.90 -16.72
N PRO A 149 -7.17 -7.09 -17.74
CA PRO A 149 -6.98 -5.64 -17.62
C PRO A 149 -7.68 -4.99 -16.43
N ASP A 150 -8.87 -5.45 -16.06
CA ASP A 150 -9.65 -4.80 -15.01
C ASP A 150 -9.47 -5.45 -13.64
N TYR A 151 -8.49 -6.34 -13.49
CA TYR A 151 -8.22 -6.97 -12.20
C TYR A 151 -7.92 -5.93 -11.13
N PHE A 152 -8.61 -6.05 -10.00
CA PHE A 152 -8.62 -5.00 -8.97
C PHE A 152 -8.89 -5.66 -7.63
N PRO A 153 -7.91 -6.40 -7.11
CA PRO A 153 -8.13 -7.11 -5.85
C PRO A 153 -8.14 -6.15 -4.67
N ILE A 154 -8.90 -6.51 -3.63
CA ILE A 154 -8.75 -5.78 -2.38
C ILE A 154 -7.34 -5.93 -1.84
N ALA A 155 -6.82 -7.16 -1.85
CA ALA A 155 -5.44 -7.45 -1.48
C ALA A 155 -5.01 -8.70 -2.23
N GLY A 156 -3.97 -8.58 -3.03
CA GLY A 156 -3.47 -9.70 -3.83
C GLY A 156 -1.99 -9.93 -3.63
N TYR A 157 -1.58 -11.18 -3.83
CA TYR A 157 -0.18 -11.59 -3.80
C TYR A 157 0.23 -11.96 -5.21
N VAL A 158 1.32 -11.38 -5.70
CA VAL A 158 1.78 -11.64 -7.06
C VAL A 158 2.77 -12.81 -6.99
N LYS A 159 2.37 -13.94 -7.56
CA LYS A 159 3.23 -15.12 -7.46
C LYS A 159 4.56 -14.86 -8.14
N PRO A 160 5.62 -15.49 -7.64
CA PRO A 160 6.96 -15.28 -8.21
C PRO A 160 7.05 -15.42 -9.72
N GLU A 161 6.36 -16.40 -10.30
CA GLU A 161 6.48 -16.63 -11.73
C GLU A 161 5.95 -15.45 -12.53
N ARG A 162 5.02 -14.68 -11.95
CA ARG A 162 4.60 -13.43 -12.56
C ARG A 162 5.48 -12.26 -12.18
N MSE A 163 5.81 -12.16 -10.88
CA MSE A 163 6.59 -11.05 -10.32
C MSE A 163 7.91 -10.99 -11.07
O MSE A 163 8.39 -9.91 -11.43
CB MSE A 163 6.81 -11.22 -8.81
CG MSE A 163 7.63 -10.13 -8.20
SE MSE A 163 8.19 -10.74 -6.38
CE MSE A 163 6.50 -11.52 -5.69
H MSE A 163 5.59 -12.74 -10.29
HA MSE A 163 6.11 -10.21 -10.41
HB2 MSE A 163 5.95 -11.21 -8.37
HB3 MSE A 163 7.27 -12.06 -8.66
HG2 MSE A 163 8.42 -9.97 -8.74
HG3 MSE A 163 7.11 -9.32 -8.12
HE1 MSE A 163 6.65 -11.84 -4.79
HE2 MSE A 163 5.81 -10.84 -5.68
HE3 MSE A 163 6.23 -12.26 -6.26
N SER A 164 8.46 -12.17 -11.36
CA SER A 164 9.75 -12.24 -12.04
C SER A 164 9.74 -11.52 -13.37
N GLY A 165 8.62 -11.52 -14.08
CA GLY A 165 8.57 -10.84 -15.36
C GLY A 165 8.71 -9.35 -15.25
N VAL A 166 8.38 -8.75 -14.10
CA VAL A 166 8.42 -7.32 -13.94
C VAL A 166 9.39 -6.85 -12.86
N TYR A 167 10.07 -7.80 -12.19
CA TYR A 167 10.86 -7.47 -11.01
C TYR A 167 11.97 -6.47 -11.34
N ASP A 168 12.66 -6.65 -12.45
CA ASP A 168 13.77 -5.76 -12.76
C ASP A 168 13.28 -4.37 -13.12
N ILE A 169 12.14 -4.27 -13.78
CA ILE A 169 11.53 -2.96 -14.01
C ILE A 169 11.21 -2.28 -12.67
N LEU A 170 10.57 -3.01 -11.76
CA LEU A 170 10.19 -2.42 -10.50
C LEU A 170 11.43 -1.98 -9.71
N LYS A 171 12.48 -2.79 -9.69
CA LYS A 171 13.68 -2.38 -8.95
C LYS A 171 14.27 -1.10 -9.53
N ASN A 172 14.22 -0.95 -10.86
CA ASN A 172 14.78 0.24 -11.48
C ASN A 172 13.92 1.48 -11.22
N ILE A 173 12.60 1.32 -11.12
CA ILE A 173 11.78 2.46 -10.72
C ILE A 173 12.17 2.92 -9.33
N LEU A 174 12.37 1.98 -8.41
CA LEU A 174 12.57 2.33 -7.02
C LEU A 174 14.00 2.74 -6.70
N LYS A 175 14.96 2.52 -7.58
CA LYS A 175 16.31 2.84 -7.17
C LYS A 175 16.53 4.32 -6.95
O1 MES B . -4.80 -14.87 -7.76
C2 MES B . -5.76 -15.77 -8.29
C3 MES B . -5.93 -15.61 -9.79
N4 MES B . -6.23 -14.20 -10.16
C5 MES B . -5.28 -13.27 -9.60
C6 MES B . -5.19 -13.54 -8.09
C7 MES B . -6.52 -14.15 -11.59
C8 MES B . -6.79 -12.72 -12.03
S MES B . -7.08 -12.69 -13.69
O1S MES B . -7.49 -11.30 -14.06
O2S MES B . -5.87 -13.12 -14.43
O3S MES B . -8.19 -13.61 -14.06
H21 MES B . -5.45 -16.80 -8.06
H22 MES B . -6.73 -15.61 -7.79
H31 MES B . -5.01 -15.92 -10.29
H32 MES B . -6.74 -16.24 -10.13
HN4 MES B . -7.07 -13.86 -9.73
H51 MES B . -4.30 -13.40 -10.06
H52 MES B . -5.61 -12.24 -9.78
H61 MES B . -4.47 -12.85 -7.64
H62 MES B . -6.17 -13.33 -7.63
H71 MES B . -7.38 -14.78 -11.81
H72 MES B . -5.66 -14.55 -12.14
H81 MES B . -5.94 -12.09 -11.79
H82 MES B . -7.66 -12.33 -11.50
S SO4 C . -1.99 -16.80 -9.78
O1 SO4 C . -1.86 -15.86 -8.65
O2 SO4 C . -1.35 -16.19 -10.93
O3 SO4 C . -1.37 -18.10 -9.47
O4 SO4 C . -3.38 -17.11 -10.06
N NH4 D . -2.99 18.15 7.47
#